data_1AER
#
_entry.id   1AER
#
_cell.length_a   87.640
_cell.length_b   87.640
_cell.length_c   133.730
_cell.angle_alpha   90.00
_cell.angle_beta   90.00
_cell.angle_gamma   90.00
#
_symmetry.space_group_name_H-M   'P 43 21 2'
#
loop_
_entity.id
_entity.type
_entity.pdbx_description
1 polymer 'EXOTOXIN A'
2 non-polymer 'BETA-METHYLENE-THIAZOLE-4-CARBOXYAMIDE-ADENINE DINUCLEOTIDE'
3 non-polymer 2-(1,5-DIDEOXYRIBOSE)-4-AMIDO-THIAZOLE
4 non-polymer 'ADENOSINE MONOPHOSPHATE'
5 water water
#
_entity_poly.entity_id   1
_entity_poly.type   'polypeptide(L)'
_entity_poly.pdbx_seq_one_letter_code
;AFLGDGGDVSFSTRGTQNWTVERLLQAHRQLEERGYVFVGYHGTFLEAAQSIVFGGVRARSQDLDAIWRGFYIAGDPALA
YGYAQDQEPDARGRIRNGALLRVYVPRSSLPGFYRTSLTLAAPEAAGEVERLIGHPLPLRLDAITGPEEEGGRLETILGW
PLAERTVVIPSAIPTDPRNVGGDLDPSSIPDKEQAISALPDYASQPGKPPR
;
_entity_poly.pdbx_strand_id   A,B
#
loop_
_chem_comp.id
_chem_comp.type
_chem_comp.name
_chem_comp.formula
AMP non-polymer 'ADENOSINE MONOPHOSPHATE' 'C10 H14 N5 O7 P'
TAD non-polymer 'BETA-METHYLENE-THIAZOLE-4-CARBOXYAMIDE-ADENINE DINUCLEOTIDE' 'C20 H27 N7 O13 P2 S'
TIA non-polymer 2-(1,5-DIDEOXYRIBOSE)-4-AMIDO-THIAZOLE 'C9 H12 N2 O4 S'
#
# COMPACT_ATOMS: atom_id res chain seq x y z
N ALA A 1 -7.33 -10.25 -5.69
CA ALA A 1 -8.32 -9.39 -6.38
C ALA A 1 -9.14 -8.58 -5.35
N PHE A 2 -9.63 -7.43 -5.81
CA PHE A 2 -10.41 -6.49 -5.01
C PHE A 2 -11.80 -6.19 -5.61
N LEU A 3 -12.05 -6.66 -6.82
CA LEU A 3 -13.30 -6.41 -7.52
C LEU A 3 -14.39 -7.44 -7.36
N GLY A 4 -14.21 -8.38 -6.46
CA GLY A 4 -15.22 -9.41 -6.25
C GLY A 4 -15.42 -10.33 -7.43
N ASP A 5 -16.61 -10.90 -7.55
CA ASP A 5 -16.90 -11.84 -8.64
C ASP A 5 -17.97 -11.41 -9.65
N GLY A 6 -17.69 -11.72 -10.91
CA GLY A 6 -18.61 -11.39 -11.97
C GLY A 6 -18.04 -10.98 -13.31
N GLY A 7 -16.84 -11.44 -13.65
CA GLY A 7 -16.29 -11.06 -14.95
C GLY A 7 -15.41 -9.83 -14.93
N ASP A 8 -14.74 -9.54 -16.04
CA ASP A 8 -13.87 -8.37 -16.03
C ASP A 8 -14.50 -7.03 -16.32
N VAL A 9 -14.06 -6.09 -15.51
CA VAL A 9 -14.50 -4.72 -15.54
C VAL A 9 -13.78 -3.92 -16.60
N SER A 10 -14.50 -2.96 -17.17
CA SER A 10 -13.93 -2.09 -18.17
C SER A 10 -14.64 -0.73 -18.13
N PHE A 11 -13.89 0.32 -18.40
CA PHE A 11 -14.41 1.65 -18.39
C PHE A 11 -14.77 2.09 -19.81
N SER A 12 -16.03 2.48 -19.99
CA SER A 12 -16.55 2.93 -21.27
C SER A 12 -17.50 4.10 -21.02
N THR A 13 -17.78 4.88 -22.04
CA THR A 13 -18.66 6.04 -21.97
C THR A 13 -20.11 5.70 -21.59
N ARG A 14 -20.49 4.46 -21.85
CA ARG A 14 -21.85 4.00 -21.54
C ARG A 14 -21.94 3.59 -20.07
N GLY A 15 -20.75 3.50 -19.48
CA GLY A 15 -20.67 3.13 -18.08
C GLY A 15 -19.69 1.99 -17.86
N THR A 16 -19.27 1.79 -16.62
CA THR A 16 -18.34 0.76 -16.22
C THR A 16 -18.95 -0.62 -16.41
N GLN A 17 -18.34 -1.41 -17.29
CA GLN A 17 -18.82 -2.73 -17.61
C GLN A 17 -18.60 -3.75 -16.52
N ASN A 18 -19.61 -4.59 -16.30
CA ASN A 18 -19.62 -5.64 -15.29
C ASN A 18 -19.53 -5.19 -13.84
N TRP A 19 -19.89 -3.94 -13.62
CA TRP A 19 -19.88 -3.43 -12.27
C TRP A 19 -21.31 -3.09 -11.88
N THR A 20 -21.75 -3.51 -10.71
CA THR A 20 -23.11 -3.23 -10.26
C THR A 20 -23.07 -2.82 -8.81
N VAL A 21 -24.17 -2.29 -8.30
CA VAL A 21 -24.24 -1.92 -6.91
C VAL A 21 -24.09 -3.17 -6.09
N GLU A 22 -24.61 -4.28 -6.58
CA GLU A 22 -24.53 -5.49 -5.81
C GLU A 22 -23.09 -5.94 -5.75
N ARG A 23 -22.36 -5.83 -6.85
CA ARG A 23 -20.96 -6.26 -6.88
C ARG A 23 -20.02 -5.30 -6.11
N LEU A 24 -20.49 -4.06 -5.89
CA LEU A 24 -19.75 -3.04 -5.16
C LEU A 24 -19.84 -3.38 -3.67
N LEU A 25 -21.03 -3.81 -3.25
CA LEU A 25 -21.34 -4.14 -1.86
C LEU A 25 -20.45 -5.31 -1.39
N GLN A 26 -20.24 -6.24 -2.27
CA GLN A 26 -19.43 -7.42 -2.01
C GLN A 26 -17.98 -7.00 -1.84
N ALA A 27 -17.42 -6.37 -2.85
CA ALA A 27 -16.03 -5.91 -2.81
C ALA A 27 -15.78 -5.05 -1.59
N HIS A 28 -16.74 -4.19 -1.26
CA HIS A 28 -16.67 -3.33 -0.09
C HIS A 28 -16.48 -4.12 1.21
N ARG A 29 -17.38 -5.08 1.42
CA ARG A 29 -17.36 -5.95 2.60
C ARG A 29 -16.11 -6.78 2.65
N GLN A 30 -15.61 -7.22 1.50
CA GLN A 30 -14.37 -7.99 1.48
C GLN A 30 -13.24 -7.07 1.95
N LEU A 31 -13.24 -5.81 1.51
CA LEU A 31 -12.18 -4.86 1.91
C LEU A 31 -12.24 -4.52 3.37
N GLU A 32 -13.44 -4.45 3.92
CA GLU A 32 -13.56 -4.14 5.32
C GLU A 32 -12.99 -5.24 6.17
N GLU A 33 -13.28 -6.47 5.80
CA GLU A 33 -12.75 -7.58 6.57
C GLU A 33 -11.24 -7.63 6.53
N ARG A 34 -10.63 -7.13 5.47
CA ARG A 34 -9.18 -7.11 5.41
C ARG A 34 -8.63 -5.79 6.00
N GLY A 35 -9.47 -5.09 6.77
CA GLY A 35 -9.07 -3.85 7.42
C GLY A 35 -8.99 -2.52 6.67
N TYR A 36 -9.55 -2.42 5.45
CA TYR A 36 -9.53 -1.17 4.72
C TYR A 36 -10.76 -0.33 4.99
N VAL A 37 -10.57 0.99 4.96
CA VAL A 37 -11.62 1.96 5.18
C VAL A 37 -11.73 2.93 3.97
N PHE A 38 -12.96 3.21 3.50
CA PHE A 38 -13.21 4.11 2.40
C PHE A 38 -12.95 5.56 2.84
N VAL A 39 -12.16 6.36 2.09
CA VAL A 39 -11.89 7.76 2.50
C VAL A 39 -12.29 8.83 1.45
N GLY A 40 -12.76 8.42 0.28
CA GLY A 40 -13.18 9.40 -0.73
C GLY A 40 -13.31 8.91 -2.17
N TYR A 41 -13.67 9.82 -3.08
CA TYR A 41 -13.84 9.50 -4.49
C TYR A 41 -12.76 10.17 -5.27
N HIS A 42 -12.44 9.62 -6.43
CA HIS A 42 -11.44 10.24 -7.27
C HIS A 42 -12.12 10.19 -8.59
N GLY A 43 -12.15 11.32 -9.29
CA GLY A 43 -12.80 11.38 -10.58
C GLY A 43 -11.73 11.61 -11.63
N THR A 44 -11.83 10.89 -12.75
CA THR A 44 -10.82 10.97 -13.82
C THR A 44 -11.38 10.54 -15.21
N PHE A 45 -10.58 10.70 -16.26
CA PHE A 45 -11.01 10.32 -17.62
C PHE A 45 -10.88 8.81 -17.82
N LEU A 46 -11.60 8.23 -18.78
CA LEU A 46 -11.61 6.77 -19.00
C LEU A 46 -10.32 5.99 -18.87
N GLU A 47 -9.28 6.47 -19.54
CA GLU A 47 -8.01 5.81 -19.50
C GLU A 47 -7.29 5.92 -18.19
N ALA A 48 -7.53 6.95 -17.39
CA ALA A 48 -6.79 7.00 -16.13
C ALA A 48 -7.51 6.06 -15.18
N ALA A 49 -8.80 5.93 -15.36
CA ALA A 49 -9.60 5.05 -14.51
C ALA A 49 -9.16 3.58 -14.61
N GLN A 50 -9.03 3.07 -15.83
CA GLN A 50 -8.62 1.69 -16.11
C GLN A 50 -7.21 1.48 -15.56
N SER A 51 -6.32 2.41 -15.78
CA SER A 51 -4.97 2.31 -15.29
C SER A 51 -4.86 2.26 -13.76
N ILE A 52 -5.55 3.18 -13.09
CA ILE A 52 -5.51 3.21 -11.66
C ILE A 52 -6.10 1.96 -11.09
N VAL A 53 -7.25 1.54 -11.61
CA VAL A 53 -7.89 0.33 -11.08
C VAL A 53 -7.07 -0.91 -11.35
N PHE A 54 -6.54 -1.09 -12.57
CA PHE A 54 -5.76 -2.29 -12.87
C PHE A 54 -4.30 -1.98 -13.09
N GLY A 55 -3.65 -1.34 -12.12
CA GLY A 55 -2.25 -0.95 -12.27
C GLY A 55 -1.82 -0.22 -11.03
N GLY A 56 -2.77 0.48 -10.40
CA GLY A 56 -2.56 1.18 -9.16
C GLY A 56 -2.17 2.65 -9.20
N VAL A 57 -2.54 3.39 -8.15
CA VAL A 57 -2.19 4.79 -8.07
C VAL A 57 -0.66 4.83 -8.01
N ARG A 58 -0.05 5.70 -8.81
CA ARG A 58 1.38 5.77 -8.87
C ARG A 58 1.82 7.21 -9.14
N ALA A 59 2.85 7.67 -8.46
CA ALA A 59 3.34 9.01 -8.67
C ALA A 59 3.97 9.06 -10.06
N ALA A 66 7.93 19.36 -5.46
CA ALA A 66 6.86 20.30 -5.02
C ALA A 66 6.43 19.98 -3.58
N ILE A 67 6.18 21.05 -2.86
CA ILE A 67 5.77 21.00 -1.46
C ILE A 67 4.40 20.32 -1.35
N TRP A 68 3.48 20.69 -2.23
CA TRP A 68 2.15 20.14 -2.18
C TRP A 68 1.88 18.97 -3.10
N ARG A 69 2.85 18.11 -3.33
CA ARG A 69 2.63 16.98 -4.19
C ARG A 69 1.88 15.82 -3.47
N GLY A 70 0.94 15.21 -4.18
CA GLY A 70 0.14 14.13 -3.65
C GLY A 70 -1.03 13.81 -4.54
N PHE A 71 -1.88 12.90 -4.10
CA PHE A 71 -3.03 12.47 -4.86
C PHE A 71 -4.31 13.05 -4.25
N TYR A 72 -5.13 13.67 -5.08
CA TYR A 72 -6.40 14.28 -4.71
C TYR A 72 -7.63 13.38 -4.82
N ILE A 73 -8.48 13.48 -3.81
CA ILE A 73 -9.73 12.75 -3.74
C ILE A 73 -10.69 13.70 -3.05
N ALA A 74 -11.97 13.36 -3.08
CA ALA A 74 -12.97 14.18 -2.43
C ALA A 74 -13.98 13.29 -1.73
N GLY A 75 -14.31 13.61 -0.49
CA GLY A 75 -15.32 12.83 0.20
C GLY A 75 -16.69 13.04 -0.45
N ASP A 76 -16.92 14.24 -1.01
CA ASP A 76 -18.19 14.57 -1.64
C ASP A 76 -18.17 14.14 -3.08
N PRO A 77 -18.97 13.12 -3.42
CA PRO A 77 -18.98 12.68 -4.81
C PRO A 77 -19.14 13.80 -5.80
N ALA A 78 -19.89 14.83 -5.42
CA ALA A 78 -20.11 15.93 -6.35
C ALA A 78 -18.85 16.71 -6.71
N LEU A 79 -17.90 16.81 -5.80
CA LEU A 79 -16.68 17.52 -6.13
C LEU A 79 -15.82 16.68 -7.10
N ALA A 80 -15.72 15.38 -6.85
CA ALA A 80 -14.94 14.48 -7.73
C ALA A 80 -15.58 14.34 -9.11
N TYR A 81 -16.88 14.56 -9.20
CA TYR A 81 -17.62 14.43 -10.47
C TYR A 81 -17.21 15.44 -11.55
N GLY A 82 -16.88 16.66 -11.13
CA GLY A 82 -16.45 17.69 -12.07
C GLY A 82 -15.15 17.38 -12.78
N TYR A 83 -14.36 16.45 -12.23
CA TYR A 83 -13.09 16.04 -12.86
C TYR A 83 -13.25 14.74 -13.64
N ALA A 84 -14.40 14.08 -13.54
CA ALA A 84 -14.68 12.81 -14.23
C ALA A 84 -15.06 12.95 -15.68
N GLN A 85 -14.14 13.43 -16.50
CA GLN A 85 -14.38 13.64 -17.92
C GLN A 85 -13.02 14.09 -18.47
N ASP A 86 -12.85 14.19 -19.80
CA ASP A 86 -11.58 14.68 -20.35
C ASP A 86 -11.57 16.18 -20.14
N GLN A 87 -10.42 16.67 -19.71
CA GLN A 87 -10.22 18.09 -19.45
C GLN A 87 -9.67 18.85 -20.63
N GLU A 88 -9.56 18.19 -21.76
CA GLU A 88 -9.07 18.78 -22.99
C GLU A 88 -9.34 17.69 -23.99
N PRO A 89 -9.46 18.01 -25.28
CA PRO A 89 -9.72 16.92 -26.21
C PRO A 89 -8.61 15.83 -26.18
N ASP A 90 -9.01 14.55 -26.15
CA ASP A 90 -8.07 13.44 -26.16
C ASP A 90 -7.34 13.36 -27.50
N ALA A 91 -6.72 12.21 -27.78
CA ALA A 91 -5.95 11.98 -29.02
C ALA A 91 -6.79 11.97 -30.30
N ARG A 92 -8.07 11.64 -30.16
CA ARG A 92 -8.97 11.59 -31.29
C ARG A 92 -9.87 12.83 -31.34
N GLY A 93 -9.53 13.88 -30.58
CA GLY A 93 -10.31 15.11 -30.54
C GLY A 93 -11.62 15.06 -29.78
N ARG A 94 -11.73 14.11 -28.87
CA ARG A 94 -12.94 13.91 -28.07
C ARG A 94 -12.80 14.38 -26.66
N ILE A 95 -13.91 14.84 -26.10
CA ILE A 95 -14.00 15.25 -24.70
C ILE A 95 -15.17 14.39 -24.31
N ARG A 96 -14.96 13.43 -23.42
CA ARG A 96 -16.07 12.59 -23.07
C ARG A 96 -16.16 12.38 -21.57
N ASN A 97 -17.25 11.76 -21.12
CA ASN A 97 -17.42 11.51 -19.70
C ASN A 97 -16.37 10.48 -19.24
N GLY A 98 -16.02 10.54 -17.96
CA GLY A 98 -15.02 9.67 -17.36
C GLY A 98 -15.68 8.78 -16.33
N ALA A 99 -14.97 8.49 -15.23
CA ALA A 99 -15.51 7.61 -14.18
C ALA A 99 -15.15 8.08 -12.75
N LEU A 100 -15.89 7.59 -11.76
CA LEU A 100 -15.65 7.93 -10.38
C LEU A 100 -15.10 6.67 -9.79
N LEU A 101 -14.06 6.81 -8.99
CA LEU A 101 -13.43 5.70 -8.34
C LEU A 101 -13.57 5.86 -6.83
N ARG A 102 -13.66 4.74 -6.12
CA ARG A 102 -13.70 4.74 -4.67
C ARG A 102 -12.26 4.38 -4.16
N VAL A 103 -11.72 5.16 -3.22
CA VAL A 103 -10.38 4.96 -2.69
C VAL A 103 -10.40 4.45 -1.25
N TYR A 104 -9.63 3.40 -0.99
CA TYR A 104 -9.57 2.81 0.35
C TYR A 104 -8.18 2.83 0.92
N VAL A 105 -8.06 2.97 2.23
CA VAL A 105 -6.76 2.95 2.90
C VAL A 105 -6.88 2.06 4.17
N PRO A 106 -5.73 1.59 4.72
CA PRO A 106 -5.84 0.76 5.92
C PRO A 106 -6.46 1.55 7.09
N ARG A 107 -7.28 0.91 7.88
CA ARG A 107 -7.84 1.61 9.00
C ARG A 107 -6.72 2.14 9.92
N SER A 108 -5.60 1.42 10.02
CA SER A 108 -4.50 1.84 10.88
C SER A 108 -3.74 3.08 10.41
N SER A 109 -4.02 3.54 9.21
CA SER A 109 -3.40 4.75 8.70
C SER A 109 -4.15 6.01 9.10
N LEU A 110 -5.42 5.87 9.54
CA LEU A 110 -6.24 7.01 9.92
C LEU A 110 -5.63 8.07 10.86
N PRO A 111 -4.66 7.69 11.67
CA PRO A 111 -4.07 8.73 12.53
C PRO A 111 -3.12 9.65 11.75
N GLY A 112 -2.94 9.42 10.45
CA GLY A 112 -2.07 10.27 9.65
C GLY A 112 -2.84 11.25 8.81
N PHE A 113 -4.16 11.28 8.98
CA PHE A 113 -5.08 12.14 8.22
C PHE A 113 -5.43 13.32 9.13
N TYR A 114 -5.30 14.55 8.65
CA TYR A 114 -5.63 15.71 9.49
C TYR A 114 -6.59 16.62 8.74
N ARG A 115 -7.05 17.68 9.38
CA ARG A 115 -7.98 18.56 8.70
C ARG A 115 -7.73 19.98 9.14
N THR A 116 -7.83 20.91 8.20
CA THR A 116 -7.62 22.32 8.44
C THR A 116 -8.71 23.21 7.80
N SER A 117 -8.96 24.40 8.34
CA SER A 117 -9.96 25.34 7.77
C SER A 117 -9.31 26.22 6.74
N LEU A 118 -8.00 26.08 6.58
CA LEU A 118 -7.25 26.89 5.64
C LEU A 118 -7.24 26.26 4.29
N THR A 119 -7.14 27.09 3.26
CA THR A 119 -7.04 26.60 1.91
C THR A 119 -5.52 26.40 1.77
N LEU A 120 -5.10 25.43 1.00
CA LEU A 120 -3.68 25.17 0.85
C LEU A 120 -2.91 26.19 -0.01
N ALA A 121 -3.61 27.24 -0.44
CA ALA A 121 -3.01 28.30 -1.23
C ALA A 121 -2.66 29.41 -0.26
N ALA A 122 -3.31 29.39 0.90
CA ALA A 122 -3.13 30.36 1.98
C ALA A 122 -1.70 30.41 2.42
N PRO A 123 -1.20 31.62 2.66
CA PRO A 123 0.19 31.84 3.10
C PRO A 123 0.64 31.01 4.32
N GLU A 124 -0.19 30.93 5.34
CA GLU A 124 0.16 30.23 6.59
C GLU A 124 -0.09 28.73 6.44
N ALA A 125 -0.65 28.26 5.34
CA ALA A 125 -0.94 26.85 5.19
C ALA A 125 0.21 25.86 5.36
N ALA A 126 1.40 26.10 4.76
CA ALA A 126 2.56 25.18 4.86
C ALA A 126 3.03 24.89 6.31
N GLY A 127 3.12 25.92 7.13
CA GLY A 127 3.51 25.74 8.51
C GLY A 127 2.39 25.12 9.31
N GLU A 128 1.13 25.41 8.97
CA GLU A 128 0.01 24.83 9.69
C GLU A 128 -0.07 23.35 9.44
N VAL A 129 0.21 22.94 8.21
CA VAL A 129 0.18 21.54 7.84
C VAL A 129 1.34 20.77 8.44
N GLU A 130 2.54 21.34 8.41
CA GLU A 130 3.73 20.69 9.00
C GLU A 130 3.63 20.59 10.51
N ARG A 131 2.75 21.39 11.09
CA ARG A 131 2.51 21.40 12.51
C ARG A 131 1.63 20.22 12.87
N LEU A 132 0.60 19.95 12.07
CA LEU A 132 -0.31 18.82 12.33
C LEU A 132 0.38 17.48 12.00
N ILE A 133 1.01 17.45 10.82
CA ILE A 133 1.75 16.30 10.31
C ILE A 133 3.02 15.93 11.10
N GLY A 134 3.61 16.90 11.78
CA GLY A 134 4.78 16.67 12.59
C GLY A 134 6.12 16.53 11.88
N HIS A 135 6.23 17.06 10.66
CA HIS A 135 7.47 16.94 9.91
C HIS A 135 7.36 17.83 8.69
N PRO A 136 8.48 18.11 8.02
CA PRO A 136 8.45 18.97 6.83
C PRO A 136 7.74 18.34 5.66
N LEU A 137 7.15 19.21 4.82
CA LEU A 137 6.44 18.77 3.62
C LEU A 137 7.53 18.21 2.69
N PRO A 138 7.16 17.40 1.68
CA PRO A 138 5.83 16.94 1.28
C PRO A 138 5.24 15.87 2.20
N LEU A 139 3.95 15.62 2.04
CA LEU A 139 3.24 14.62 2.84
C LEU A 139 3.85 13.25 2.54
N ARG A 140 3.97 12.43 3.58
CA ARG A 140 4.48 11.08 3.43
C ARG A 140 3.33 10.11 3.63
N LEU A 141 3.22 9.53 4.81
CA LEU A 141 2.12 8.60 5.11
C LEU A 141 1.09 9.44 5.89
N ASP A 142 0.70 10.55 5.28
CA ASP A 142 -0.24 11.47 5.88
C ASP A 142 -1.18 11.96 4.80
N ALA A 143 -2.23 12.65 5.23
CA ALA A 143 -3.23 13.23 4.34
C ALA A 143 -3.80 14.50 4.99
N ILE A 144 -4.19 15.51 4.21
CA ILE A 144 -4.81 16.73 4.73
C ILE A 144 -6.09 16.99 3.95
N THR A 145 -7.17 17.30 4.65
CA THR A 145 -8.47 17.60 4.04
C THR A 145 -8.77 19.04 4.38
N GLY A 146 -9.12 19.87 3.41
CA GLY A 146 -9.40 21.26 3.71
C GLY A 146 -10.25 21.82 2.60
N PRO A 147 -10.73 23.08 2.70
CA PRO A 147 -11.55 23.72 1.69
C PRO A 147 -10.82 23.87 0.35
N GLU A 148 -11.53 23.69 -0.76
CA GLU A 148 -10.93 23.86 -2.06
C GLU A 148 -10.71 25.38 -2.20
N GLU A 149 -9.66 25.80 -2.89
CA GLU A 149 -9.34 27.21 -3.02
C GLU A 149 -10.47 28.17 -3.37
N GLU A 150 -11.39 27.73 -4.21
CA GLU A 150 -12.50 28.58 -4.59
C GLU A 150 -13.74 27.73 -4.66
N GLY A 151 -14.68 27.92 -3.74
CA GLY A 151 -15.91 27.14 -3.76
C GLY A 151 -16.37 26.52 -2.46
N GLY A 152 -15.45 26.35 -1.51
CA GLY A 152 -15.78 25.79 -0.21
C GLY A 152 -15.88 24.29 0.05
N ARG A 153 -15.92 23.48 -0.99
CA ARG A 153 -16.03 22.06 -0.78
C ARG A 153 -14.69 21.60 -0.30
N LEU A 154 -14.68 20.46 0.38
CA LEU A 154 -13.44 19.96 0.96
C LEU A 154 -12.74 18.95 0.10
N GLU A 155 -11.43 19.11 -0.06
CA GLU A 155 -10.62 18.21 -0.86
C GLU A 155 -9.52 17.62 0.02
N THR A 156 -9.13 16.39 -0.28
CA THR A 156 -8.14 15.67 0.50
C THR A 156 -6.92 15.34 -0.38
N ILE A 157 -5.73 15.55 0.15
CA ILE A 157 -4.52 15.21 -0.60
C ILE A 157 -3.87 14.14 0.22
N LEU A 158 -3.55 13.00 -0.41
CA LEU A 158 -2.87 11.90 0.28
C LEU A 158 -1.43 12.02 -0.17
N GLY A 159 -0.47 11.89 0.74
CA GLY A 159 0.90 12.01 0.31
C GLY A 159 1.16 10.83 -0.60
N TRP A 160 2.13 10.94 -1.50
CA TRP A 160 2.41 9.82 -2.40
C TRP A 160 2.71 8.49 -1.80
N PRO A 161 3.48 8.41 -0.69
CA PRO A 161 3.75 7.08 -0.11
C PRO A 161 2.48 6.31 0.29
N LEU A 162 1.50 7.06 0.79
CA LEU A 162 0.20 6.59 1.23
C LEU A 162 -0.68 6.29 0.02
N ALA A 163 -0.76 7.20 -0.95
CA ALA A 163 -1.58 6.98 -2.14
C ALA A 163 -1.26 5.71 -2.92
N GLU A 164 0.01 5.30 -2.95
CA GLU A 164 0.42 4.11 -3.68
C GLU A 164 0.09 2.81 -2.92
N ARG A 165 -0.45 2.95 -1.71
CA ARG A 165 -0.82 1.81 -0.90
C ARG A 165 -2.32 1.74 -0.65
N THR A 166 -3.07 2.45 -1.46
CA THR A 166 -4.51 2.40 -1.38
C THR A 166 -5.01 1.23 -2.26
N VAL A 167 -6.32 0.95 -2.16
CA VAL A 167 -6.98 -0.04 -3.01
C VAL A 167 -8.06 0.88 -3.64
N VAL A 168 -8.21 0.82 -4.95
CA VAL A 168 -9.20 1.66 -5.62
C VAL A 168 -10.15 0.73 -6.43
N ILE A 169 -11.46 0.90 -6.24
CA ILE A 169 -12.42 0.07 -6.97
C ILE A 169 -13.37 1.04 -7.65
N PRO A 170 -14.09 0.58 -8.68
CA PRO A 170 -15.00 1.53 -9.32
C PRO A 170 -16.19 1.89 -8.46
N SER A 171 -16.81 3.00 -8.82
CA SER A 171 -18.00 3.45 -8.15
C SER A 171 -19.19 2.99 -8.96
N ALA A 172 -20.35 3.02 -8.34
CA ALA A 172 -21.61 2.66 -9.00
C ALA A 172 -22.34 3.93 -9.40
N ILE A 173 -21.77 5.09 -9.10
CA ILE A 173 -22.37 6.37 -9.43
C ILE A 173 -21.94 6.60 -10.87
N PRO A 174 -22.89 6.65 -11.82
CA PRO A 174 -22.51 6.85 -13.21
C PRO A 174 -22.35 8.27 -13.67
N THR A 175 -21.57 8.47 -14.70
CA THR A 175 -21.40 9.79 -15.27
C THR A 175 -22.34 9.77 -16.50
N ASP A 176 -22.94 10.91 -16.82
CA ASP A 176 -23.88 11.04 -17.90
C ASP A 176 -23.26 11.45 -19.23
N PRO A 177 -23.37 10.61 -20.25
CA PRO A 177 -22.80 10.92 -21.57
C PRO A 177 -23.61 11.93 -22.41
N ARG A 178 -24.77 12.32 -21.91
CA ARG A 178 -25.64 13.27 -22.56
C ARG A 178 -25.49 14.62 -21.90
N ASN A 179 -24.56 14.71 -20.95
CA ASN A 179 -24.35 15.95 -20.22
C ASN A 179 -22.93 16.03 -19.73
N VAL A 180 -21.98 15.95 -20.67
CA VAL A 180 -20.57 16.00 -20.34
C VAL A 180 -20.14 17.35 -19.78
N GLY A 181 -19.73 17.31 -18.52
CA GLY A 181 -19.33 18.49 -17.80
C GLY A 181 -20.45 18.94 -16.89
N GLY A 182 -21.59 18.27 -16.99
CA GLY A 182 -22.73 18.61 -16.17
C GLY A 182 -22.45 18.30 -14.73
N ASP A 183 -23.36 18.70 -13.86
CA ASP A 183 -23.28 18.52 -12.41
C ASP A 183 -23.89 17.17 -12.03
N LEU A 184 -23.50 16.67 -10.88
CA LEU A 184 -23.99 15.40 -10.39
C LEU A 184 -25.41 15.54 -9.87
N ASP A 185 -26.32 14.80 -10.47
CA ASP A 185 -27.71 14.76 -10.03
C ASP A 185 -27.63 13.84 -8.80
N PRO A 186 -27.84 14.36 -7.58
CA PRO A 186 -27.74 13.45 -6.44
C PRO A 186 -28.69 12.26 -6.42
N SER A 187 -29.71 12.31 -7.24
CA SER A 187 -30.67 11.22 -7.31
C SER A 187 -30.14 10.04 -8.12
N SER A 188 -28.97 10.20 -8.72
CA SER A 188 -28.40 9.12 -9.54
C SER A 188 -27.35 8.34 -8.73
N ILE A 189 -27.20 8.70 -7.48
CA ILE A 189 -26.28 8.03 -6.62
C ILE A 189 -27.12 6.91 -6.00
N PRO A 190 -26.74 5.63 -6.22
CA PRO A 190 -27.55 4.54 -5.65
C PRO A 190 -27.53 4.61 -4.16
N ASP A 191 -28.70 4.45 -3.56
CA ASP A 191 -28.80 4.51 -2.12
C ASP A 191 -27.97 3.45 -1.43
N LYS A 192 -27.76 2.33 -2.08
CA LYS A 192 -26.94 1.29 -1.50
C LYS A 192 -25.52 1.79 -1.37
N GLU A 193 -25.10 2.70 -2.25
CA GLU A 193 -23.75 3.24 -2.20
C GLU A 193 -23.63 4.42 -1.21
N GLN A 194 -24.64 5.29 -1.16
CA GLN A 194 -24.64 6.42 -0.21
C GLN A 194 -24.48 5.86 1.20
N ALA A 195 -25.22 4.80 1.48
CA ALA A 195 -25.25 4.07 2.75
C ALA A 195 -23.95 3.46 3.22
N ILE A 196 -22.97 3.42 2.33
CA ILE A 196 -21.69 2.76 2.62
C ILE A 196 -20.59 3.79 2.42
N SER A 197 -20.91 5.08 2.47
CA SER A 197 -19.90 6.10 2.22
C SER A 197 -19.67 7.11 3.29
N ALA A 198 -19.95 6.74 4.52
CA ALA A 198 -19.70 7.65 5.63
C ALA A 198 -18.18 7.83 5.68
N LEU A 199 -17.73 8.99 6.16
CA LEU A 199 -16.30 9.23 6.23
C LEU A 199 -15.84 9.19 7.66
N PRO A 200 -14.56 8.88 7.84
CA PRO A 200 -13.97 8.82 9.18
C PRO A 200 -13.74 10.26 9.62
N ASP A 201 -13.67 10.49 10.93
CA ASP A 201 -13.44 11.83 11.45
C ASP A 201 -11.91 11.99 11.39
N TYR A 202 -11.45 13.08 10.83
CA TYR A 202 -10.01 13.29 10.73
C TYR A 202 -9.64 14.18 11.90
N ALA A 203 -8.40 14.14 12.35
CA ALA A 203 -7.95 14.93 13.47
C ALA A 203 -7.68 16.38 13.11
N SER A 204 -8.06 17.27 13.99
CA SER A 204 -7.84 18.69 13.76
C SER A 204 -6.69 19.18 14.64
N GLN A 205 -6.18 18.28 15.45
CA GLN A 205 -5.03 18.57 16.34
C GLN A 205 -3.85 17.67 15.97
N PRO A 206 -2.63 18.15 16.16
CA PRO A 206 -1.44 17.34 15.81
C PRO A 206 -1.52 15.97 16.46
N GLY A 207 -0.78 15.03 15.91
CA GLY A 207 -0.79 13.70 16.49
C GLY A 207 -0.06 13.54 17.82
N LYS A 208 -0.73 12.94 18.79
CA LYS A 208 -0.15 12.68 20.09
C LYS A 208 0.70 11.41 19.91
N PRO A 209 1.80 11.27 20.67
CA PRO A 209 2.59 10.05 20.48
C PRO A 209 1.69 8.82 20.69
N PRO A 210 1.69 7.90 19.71
CA PRO A 210 0.90 6.65 19.70
C PRO A 210 0.87 5.84 21.01
N ARG A 211 -0.26 5.17 21.25
CA ARG A 211 -0.42 4.36 22.45
C ARG A 211 0.21 2.99 22.21
N PHE B 2 11.26 6.71 3.96
CA PHE B 2 11.08 5.81 5.14
C PHE B 2 12.38 5.51 5.85
N LEU B 3 13.47 5.95 5.23
CA LEU B 3 14.81 5.68 5.72
C LEU B 3 15.38 6.54 6.86
N GLY B 4 14.70 7.61 7.24
CA GLY B 4 15.23 8.45 8.32
C GLY B 4 16.21 9.49 7.80
N ASP B 5 16.76 10.26 8.72
CA ASP B 5 17.70 11.34 8.40
C ASP B 5 19.13 10.85 8.36
N GLY B 6 19.86 11.26 7.33
CA GLY B 6 21.26 10.86 7.15
C GLY B 6 21.66 10.93 5.68
N GLY B 7 22.75 10.24 5.30
CA GLY B 7 23.18 10.27 3.90
C GLY B 7 22.51 9.21 3.05
N ASP B 8 22.72 9.23 1.74
CA ASP B 8 22.10 8.27 0.82
C ASP B 8 22.49 6.84 1.21
N VAL B 9 21.50 5.99 1.52
CA VAL B 9 21.70 4.58 1.88
C VAL B 9 22.03 3.76 0.61
N SER B 10 22.84 2.70 0.77
CA SER B 10 23.21 1.83 -0.36
C SER B 10 23.73 0.45 0.05
N PHE B 11 23.66 -0.49 -0.88
CA PHE B 11 24.05 -1.86 -0.61
C PHE B 11 25.37 -2.27 -1.27
N SER B 12 26.22 -2.92 -0.47
CA SER B 12 27.52 -3.39 -0.92
C SER B 12 27.91 -4.61 -0.09
N THR B 13 28.84 -5.42 -0.62
CA THR B 13 29.34 -6.60 0.07
C THR B 13 30.08 -6.05 1.31
N ARG B 14 30.55 -4.82 1.18
CA ARG B 14 31.19 -4.10 2.27
C ARG B 14 30.15 -3.88 3.39
N GLY B 15 28.89 -3.66 3.01
CA GLY B 15 27.79 -3.45 3.95
C GLY B 15 26.81 -2.39 3.47
N THR B 16 25.60 -2.30 4.06
CA THR B 16 24.63 -1.28 3.63
C THR B 16 25.22 0.05 4.06
N GLN B 17 25.69 0.82 3.10
CA GLN B 17 26.30 2.09 3.40
C GLN B 17 25.35 3.12 4.03
N ASN B 18 25.80 3.67 5.15
CA ASN B 18 25.07 4.70 5.91
C ASN B 18 23.92 4.24 6.77
N TRP B 19 23.86 2.96 7.06
CA TRP B 19 22.76 2.46 7.85
C TRP B 19 23.18 2.08 9.25
N THR B 20 22.81 2.88 10.23
CA THR B 20 23.15 2.56 11.61
C THR B 20 21.93 2.08 12.37
N VAL B 21 22.16 1.33 13.43
CA VAL B 21 21.05 0.84 14.26
C VAL B 21 20.31 2.02 14.89
N GLU B 22 20.99 3.16 14.94
CA GLU B 22 20.38 4.36 15.48
C GLU B 22 19.39 4.89 14.44
N ARG B 23 19.78 4.80 13.16
CA ARG B 23 18.94 5.24 12.04
C ARG B 23 17.76 4.29 11.89
N LEU B 24 18.00 3.02 12.15
CA LEU B 24 16.97 1.99 12.08
C LEU B 24 15.88 2.36 13.08
N LEU B 25 16.31 2.64 14.30
CA LEU B 25 15.41 3.01 15.40
C LEU B 25 14.48 4.19 15.12
N GLN B 26 14.99 5.24 14.49
CA GLN B 26 14.18 6.36 14.17
C GLN B 26 13.15 5.87 13.13
N ALA B 27 13.63 5.32 12.01
CA ALA B 27 12.72 4.83 10.96
C ALA B 27 11.63 3.90 11.46
N HIS B 28 11.96 3.00 12.40
CA HIS B 28 11.00 2.06 12.97
C HIS B 28 9.94 2.82 13.73
N ARG B 29 10.35 3.86 14.43
CA ARG B 29 9.41 4.63 15.22
C ARG B 29 8.46 5.40 14.31
N GLN B 30 8.97 5.96 13.22
CA GLN B 30 8.08 6.69 12.34
C GLN B 30 6.97 5.76 11.83
N LEU B 31 7.37 4.55 11.44
CA LEU B 31 6.46 3.53 10.91
C LEU B 31 5.42 3.14 11.90
N GLU B 32 5.83 2.93 13.15
CA GLU B 32 4.89 2.57 14.18
C GLU B 32 3.88 3.69 14.44
N GLU B 33 4.29 4.94 14.23
CA GLU B 33 3.39 6.09 14.45
C GLU B 33 2.35 6.22 13.38
N ARG B 34 2.58 5.55 12.26
CA ARG B 34 1.63 5.54 11.18
C ARG B 34 0.94 4.20 11.01
N GLY B 35 0.99 3.38 12.07
CA GLY B 35 0.33 2.07 12.12
C GLY B 35 0.90 0.83 11.43
N TYR B 36 2.16 0.88 11.03
CA TYR B 36 2.81 -0.24 10.35
C TYR B 36 3.46 -1.13 11.38
N VAL B 37 3.46 -2.43 11.10
CA VAL B 37 4.04 -3.43 11.97
C VAL B 37 5.05 -4.34 11.23
N PHE B 38 6.13 -4.70 11.93
CA PHE B 38 7.16 -5.60 11.43
C PHE B 38 6.59 -7.03 11.45
N VAL B 39 6.73 -7.76 10.33
CA VAL B 39 6.24 -9.14 10.23
C VAL B 39 7.33 -10.14 9.86
N GLY B 40 8.53 -9.64 9.63
CA GLY B 40 9.58 -10.56 9.30
C GLY B 40 10.67 -9.99 8.43
N TYR B 41 11.64 -10.85 8.12
CA TYR B 41 12.78 -10.52 7.28
C TYR B 41 12.69 -11.14 5.88
N HIS B 42 13.33 -10.46 4.95
CA HIS B 42 13.42 -10.96 3.59
C HIS B 42 14.93 -10.93 3.23
N GLY B 43 15.58 -12.07 2.95
CA GLY B 43 16.99 -12.02 2.57
C GLY B 43 17.13 -12.09 1.04
N THR B 44 17.91 -11.22 0.42
CA THR B 44 18.01 -11.30 -1.03
C THR B 44 19.36 -10.74 -1.53
N PHE B 45 19.61 -10.69 -2.85
CA PHE B 45 20.87 -10.17 -3.36
C PHE B 45 20.89 -8.69 -3.45
N LEU B 46 22.08 -8.12 -3.49
CA LEU B 46 22.30 -6.67 -3.49
C LEU B 46 21.43 -5.82 -4.36
N GLU B 47 21.30 -6.15 -5.62
CA GLU B 47 20.49 -5.26 -6.43
C GLU B 47 18.98 -5.49 -6.35
N ALA B 48 18.57 -6.55 -5.67
CA ALA B 48 17.16 -6.85 -5.47
C ALA B 48 16.75 -6.01 -4.26
N ALA B 49 17.67 -5.89 -3.30
CA ALA B 49 17.42 -5.11 -2.11
C ALA B 49 17.21 -3.68 -2.56
N GLN B 50 18.11 -3.20 -3.40
CA GLN B 50 18.04 -1.86 -3.95
C GLN B 50 16.70 -1.58 -4.66
N SER B 51 16.22 -2.56 -5.42
CA SER B 51 14.95 -2.45 -6.13
C SER B 51 13.78 -2.37 -5.16
N ILE B 52 13.76 -3.25 -4.17
CA ILE B 52 12.69 -3.28 -3.17
C ILE B 52 12.61 -2.05 -2.25
N VAL B 53 13.77 -1.64 -1.74
CA VAL B 53 13.87 -0.51 -0.84
C VAL B 53 13.63 0.82 -1.55
N PHE B 54 14.08 0.95 -2.77
CA PHE B 54 13.82 2.21 -3.44
C PHE B 54 12.76 2.18 -4.53
N GLY B 55 12.51 1.02 -5.12
CA GLY B 55 11.50 0.95 -6.16
C GLY B 55 10.19 0.39 -5.64
N GLY B 56 10.25 -0.46 -4.62
CA GLY B 56 9.06 -1.08 -4.03
C GLY B 56 8.86 -2.57 -4.37
N VAL B 57 8.14 -3.32 -3.51
CA VAL B 57 7.85 -4.73 -3.76
C VAL B 57 6.81 -4.82 -4.90
N ARG B 58 7.25 -5.37 -6.02
CA ARG B 58 6.44 -5.50 -7.22
C ARG B 58 6.55 -6.93 -7.70
N ALA B 59 5.41 -7.49 -8.07
CA ALA B 59 5.27 -8.86 -8.58
C ALA B 59 5.61 -8.92 -10.05
N ARG B 60 5.87 -10.14 -10.51
CA ARG B 60 6.18 -10.35 -11.93
C ARG B 60 4.85 -10.51 -12.67
N SER B 61 4.84 -10.14 -13.95
CA SER B 61 3.64 -10.24 -14.78
C SER B 61 3.56 -11.66 -15.36
N GLN B 62 4.44 -12.54 -14.93
CA GLN B 62 4.45 -13.90 -15.39
C GLN B 62 3.87 -14.79 -14.27
N ASP B 63 3.46 -16.00 -14.63
CA ASP B 63 2.84 -16.97 -13.71
C ASP B 63 1.76 -16.37 -12.83
N LEU B 64 0.78 -15.74 -13.45
CA LEU B 64 -0.27 -15.12 -12.69
C LEU B 64 -1.19 -16.05 -11.92
N ASP B 65 -1.29 -17.30 -12.36
CA ASP B 65 -2.19 -18.21 -11.65
C ASP B 65 -1.48 -19.23 -10.84
N ALA B 66 -0.18 -19.07 -10.67
CA ALA B 66 0.56 -20.03 -9.89
C ALA B 66 -0.05 -19.99 -8.48
N ILE B 67 -0.51 -21.15 -8.02
CA ILE B 67 -1.15 -21.35 -6.72
C ILE B 67 -0.46 -20.73 -5.49
N TRP B 68 0.83 -20.99 -5.34
CA TRP B 68 1.60 -20.52 -4.18
C TRP B 68 2.36 -19.20 -4.31
N ARG B 69 2.05 -18.40 -5.32
CA ARG B 69 2.73 -17.13 -5.52
C ARG B 69 2.51 -16.16 -4.39
N GLY B 70 3.60 -15.51 -4.02
CA GLY B 70 3.57 -14.54 -2.95
C GLY B 70 5.01 -14.09 -2.70
N PHE B 71 5.18 -13.20 -1.72
CA PHE B 71 6.49 -12.66 -1.31
C PHE B 71 6.84 -13.35 -0.01
N TYR B 72 7.95 -14.08 -0.04
CA TYR B 72 8.44 -14.84 1.13
C TYR B 72 9.30 -14.08 2.13
N ILE B 73 8.95 -14.21 3.39
CA ILE B 73 9.67 -13.56 4.45
C ILE B 73 9.71 -14.58 5.57
N ALA B 74 10.53 -14.31 6.58
CA ALA B 74 10.62 -15.21 7.74
C ALA B 74 10.81 -14.44 9.01
N GLY B 75 10.14 -14.87 10.07
CA GLY B 75 10.31 -14.14 11.32
C GLY B 75 11.74 -14.16 11.83
N ASP B 76 12.35 -15.31 11.61
CA ASP B 76 13.70 -15.66 12.01
C ASP B 76 14.73 -15.14 11.03
N PRO B 77 15.66 -14.22 11.42
CA PRO B 77 16.62 -13.76 10.40
C PRO B 77 17.58 -14.86 9.99
N ALA B 78 17.76 -15.87 10.84
CA ALA B 78 18.64 -16.99 10.51
C ALA B 78 18.09 -17.67 9.27
N LEU B 79 16.77 -17.83 9.23
CA LEU B 79 16.08 -18.42 8.09
C LEU B 79 16.32 -17.54 6.86
N ALA B 80 15.91 -16.27 6.94
CA ALA B 80 16.07 -15.34 5.82
C ALA B 80 17.53 -15.20 5.39
N TYR B 81 18.42 -15.29 6.38
CA TYR B 81 19.86 -15.18 6.13
C TYR B 81 20.24 -16.24 5.08
N GLY B 82 19.42 -17.28 4.98
CA GLY B 82 19.65 -18.34 4.02
C GLY B 82 19.74 -17.83 2.60
N TYR B 83 19.26 -16.61 2.37
CA TYR B 83 19.27 -16.00 1.04
C TYR B 83 20.18 -14.74 0.76
N ALA B 84 20.81 -14.86 -0.42
CA ALA B 84 21.78 -13.91 -1.02
C ALA B 84 21.93 -14.22 -2.54
N GLN B 85 23.11 -14.01 -3.11
CA GLN B 85 23.34 -14.24 -4.53
C GLN B 85 22.92 -15.60 -5.10
N ASP B 86 22.09 -15.57 -6.14
CA ASP B 86 21.70 -16.81 -6.80
C ASP B 86 22.56 -16.88 -8.08
N GLN B 87 23.01 -15.70 -8.51
CA GLN B 87 23.86 -15.53 -9.69
C GLN B 87 25.26 -16.09 -9.41
N GLU B 88 25.36 -17.42 -9.48
CA GLU B 88 26.61 -18.16 -9.24
C GLU B 88 27.86 -17.87 -10.07
N PRO B 89 27.74 -17.14 -11.20
CA PRO B 89 28.95 -16.88 -11.99
C PRO B 89 29.83 -15.73 -11.55
N ASP B 90 29.23 -14.58 -11.27
CA ASP B 90 30.00 -13.42 -10.81
C ASP B 90 31.34 -13.18 -11.51
N ARG B 92 32.82 -16.74 -13.38
CA ARG B 92 33.97 -17.17 -12.51
C ARG B 92 33.62 -18.05 -11.26
N GLY B 93 32.42 -18.65 -11.27
CA GLY B 93 31.97 -19.51 -10.18
C GLY B 93 31.68 -18.81 -8.86
N ARG B 94 31.83 -17.48 -8.84
CA ARG B 94 31.63 -16.65 -7.62
C ARG B 94 30.21 -16.27 -7.13
N ILE B 95 30.11 -16.04 -5.82
CA ILE B 95 28.84 -15.73 -5.17
C ILE B 95 28.99 -14.63 -4.11
N ARG B 96 28.22 -13.55 -4.24
CA ARG B 96 28.30 -12.47 -3.28
C ARG B 96 27.33 -12.63 -2.17
N ASN B 97 27.58 -11.88 -1.13
CA ASN B 97 26.70 -11.86 0.00
C ASN B 97 25.65 -10.82 -0.40
N GLY B 98 24.41 -11.07 0.02
CA GLY B 98 23.31 -10.18 -0.29
C GLY B 98 22.89 -9.33 0.89
N ALA B 99 21.61 -8.98 0.96
CA ALA B 99 21.12 -8.16 2.05
C ALA B 99 19.85 -8.65 2.73
N LEU B 100 19.81 -8.37 4.01
CA LEU B 100 18.67 -8.69 4.82
C LEU B 100 17.84 -7.41 4.95
N LEU B 101 16.53 -7.53 4.78
CA LEU B 101 15.60 -6.39 4.86
C LEU B 101 14.48 -6.69 5.85
N ARG B 102 13.90 -5.62 6.40
CA ARG B 102 12.79 -5.72 7.37
C ARG B 102 11.51 -5.36 6.61
N VAL B 103 10.46 -6.14 6.77
CA VAL B 103 9.20 -5.95 6.07
C VAL B 103 8.01 -5.57 7.00
N TYR B 104 7.34 -4.45 6.72
CA TYR B 104 6.24 -3.98 7.55
C TYR B 104 4.88 -3.96 6.84
N VAL B 105 3.81 -4.24 7.57
CA VAL B 105 2.46 -4.19 7.01
C VAL B 105 1.62 -3.41 8.00
N PRO B 106 0.48 -2.86 7.57
CA PRO B 106 -0.47 -2.08 8.38
C PRO B 106 -0.95 -2.99 9.48
N ARG B 107 -1.09 -2.47 10.69
CA ARG B 107 -1.53 -3.28 11.80
C ARG B 107 -2.90 -3.84 11.56
N SER B 108 -3.67 -3.18 10.70
CA SER B 108 -5.03 -3.61 10.41
C SER B 108 -5.16 -4.77 9.45
N SER B 109 -4.05 -5.12 8.81
CA SER B 109 -4.09 -6.24 7.89
C SER B 109 -3.86 -7.54 8.65
N LEU B 110 -3.42 -7.45 9.92
CA LEU B 110 -3.17 -8.64 10.71
C LEU B 110 -4.26 -9.75 10.79
N PRO B 111 -5.55 -9.41 10.70
CA PRO B 111 -6.50 -10.52 10.75
C PRO B 111 -6.56 -11.39 9.46
N GLY B 112 -5.78 -11.02 8.46
CA GLY B 112 -5.76 -11.80 7.24
C GLY B 112 -4.54 -12.68 7.25
N PHE B 113 -3.80 -12.72 8.37
CA PHE B 113 -2.57 -13.51 8.54
C PHE B 113 -2.91 -14.83 9.20
N TYR B 114 -2.67 -15.93 8.51
CA TYR B 114 -2.99 -17.24 9.05
C TYR B 114 -1.76 -18.11 9.31
N ARG B 115 -1.96 -19.14 10.12
CA ARG B 115 -0.92 -20.08 10.50
C ARG B 115 -1.46 -21.51 10.29
N THR B 116 -0.64 -22.39 9.71
CA THR B 116 -1.00 -23.78 9.50
C THR B 116 0.22 -24.60 9.90
N SER B 117 -0.01 -25.84 10.33
CA SER B 117 1.10 -26.70 10.72
C SER B 117 1.60 -27.46 9.49
N LEU B 118 0.80 -27.42 8.42
CA LEU B 118 1.15 -28.10 7.16
C LEU B 118 2.33 -27.41 6.50
N THR B 119 2.96 -28.09 5.60
CA THR B 119 4.11 -27.52 4.90
C THR B 119 3.63 -26.78 3.66
N LEU B 120 4.04 -25.52 3.60
CA LEU B 120 3.67 -24.64 2.52
C LEU B 120 4.19 -25.11 1.17
N ALA B 121 3.46 -24.73 0.13
CA ALA B 121 3.83 -25.03 -1.25
C ALA B 121 4.00 -26.50 -1.52
N ALA B 122 3.18 -27.26 -0.81
CA ALA B 122 3.14 -28.69 -0.93
C ALA B 122 1.67 -28.86 -1.26
N PRO B 123 1.32 -29.79 -2.16
CA PRO B 123 -0.05 -30.07 -2.60
C PRO B 123 -1.08 -30.23 -1.50
N GLU B 124 -0.73 -31.00 -0.49
CA GLU B 124 -1.58 -31.37 0.64
C GLU B 124 -2.01 -30.12 1.41
N ALA B 125 -1.13 -29.14 1.55
CA ALA B 125 -1.41 -27.92 2.29
C ALA B 125 -2.44 -27.03 1.57
N ALA B 126 -2.67 -27.29 0.29
CA ALA B 126 -3.57 -26.47 -0.50
C ALA B 126 -4.98 -26.35 0.00
N GLY B 127 -5.71 -27.43 0.12
CA GLY B 127 -7.08 -27.30 0.57
C GLY B 127 -7.22 -26.66 1.94
N GLU B 128 -6.25 -26.89 2.81
CA GLU B 128 -6.26 -26.39 4.17
C GLU B 128 -6.16 -24.86 4.16
N VAL B 129 -5.17 -24.34 3.44
CA VAL B 129 -4.94 -22.91 3.31
C VAL B 129 -6.14 -22.19 2.65
N GLU B 130 -6.73 -22.78 1.61
CA GLU B 130 -7.89 -22.19 0.97
C GLU B 130 -9.02 -22.15 1.99
N ARG B 131 -8.99 -23.05 2.96
CA ARG B 131 -10.04 -23.06 3.95
C ARG B 131 -9.74 -22.00 5.00
N LEU B 132 -8.47 -21.71 5.26
CA LEU B 132 -8.09 -20.68 6.24
C LEU B 132 -8.36 -19.29 5.69
N ILE B 133 -7.82 -19.06 4.50
CA ILE B 133 -7.89 -17.81 3.76
C ILE B 133 -9.25 -17.32 3.27
N GLY B 134 -10.22 -18.24 3.14
CA GLY B 134 -11.57 -17.91 2.70
C GLY B 134 -11.90 -17.81 1.20
N HIS B 135 -11.00 -18.24 0.33
CA HIS B 135 -11.20 -18.14 -1.12
C HIS B 135 -10.15 -19.01 -1.75
N PRO B 136 -10.30 -19.30 -3.04
CA PRO B 136 -9.29 -20.13 -3.67
C PRO B 136 -7.96 -19.43 -3.72
N LEU B 137 -6.90 -20.21 -3.71
CA LEU B 137 -5.57 -19.68 -3.82
C LEU B 137 -5.52 -19.11 -5.27
N PRO B 138 -4.60 -18.18 -5.55
CA PRO B 138 -3.60 -17.61 -4.65
C PRO B 138 -4.06 -16.58 -3.67
N LEU B 139 -3.15 -16.33 -2.72
CA LEU B 139 -3.29 -15.38 -1.64
C LEU B 139 -3.55 -14.03 -2.30
N ARG B 140 -4.33 -13.16 -1.66
CA ARG B 140 -4.63 -11.83 -2.18
C ARG B 140 -4.17 -10.96 -1.06
N LEU B 141 -5.12 -10.38 -0.35
CA LEU B 141 -4.75 -9.56 0.80
C LEU B 141 -4.57 -10.44 2.05
N ASP B 142 -3.92 -11.60 1.90
CA ASP B 142 -3.67 -12.48 3.04
C ASP B 142 -2.21 -12.92 3.07
N ALA B 143 -1.86 -13.64 4.15
CA ALA B 143 -0.52 -14.17 4.32
C ALA B 143 -0.72 -15.49 5.01
N ILE B 144 0.19 -16.42 4.83
CA ILE B 144 0.05 -17.71 5.50
C ILE B 144 1.41 -18.11 6.15
N THR B 145 1.36 -18.62 7.42
CA THR B 145 2.60 -19.08 8.15
C THR B 145 2.53 -20.55 8.46
N GLY B 146 3.61 -21.15 8.09
CA GLY B 146 3.73 -22.54 8.26
C GLY B 146 5.14 -23.02 8.11
N PRO B 147 5.43 -24.27 8.46
CA PRO B 147 6.77 -24.87 8.37
C PRO B 147 7.37 -25.04 6.97
N ARG B 153 11.25 -25.09 10.46
CA ARG B 153 11.32 -23.63 10.78
C ARG B 153 10.23 -22.89 10.01
N LEU B 154 9.67 -21.87 10.64
CA LEU B 154 8.57 -21.12 10.05
C LEU B 154 8.85 -20.05 9.02
N GLU B 155 8.12 -20.12 7.91
CA GLU B 155 8.23 -19.09 6.90
C GLU B 155 6.84 -18.56 6.58
N THR B 156 6.81 -17.32 6.10
CA THR B 156 5.58 -16.59 5.75
C THR B 156 5.61 -16.11 4.27
N ILE B 157 4.46 -16.22 3.61
CA ILE B 157 4.27 -15.78 2.21
C ILE B 157 3.16 -14.74 2.30
N LEU B 158 3.37 -13.61 1.64
CA LEU B 158 2.38 -12.55 1.62
C LEU B 158 1.74 -12.57 0.24
N GLY B 159 0.42 -12.52 0.17
CA GLY B 159 -0.19 -12.48 -1.13
C GLY B 159 0.40 -11.24 -1.77
N TRP B 160 0.60 -11.27 -3.07
CA TRP B 160 1.17 -10.13 -3.77
C TRP B 160 0.45 -8.78 -3.56
N PRO B 161 -0.90 -8.76 -3.53
CA PRO B 161 -1.60 -7.50 -3.32
C PRO B 161 -1.17 -6.92 -1.98
N LEU B 162 -0.88 -7.77 -0.98
CA LEU B 162 -0.41 -7.32 0.33
C LEU B 162 1.07 -6.99 0.24
N ALA B 163 1.88 -7.88 -0.35
CA ALA B 163 3.30 -7.67 -0.47
C ALA B 163 3.59 -6.30 -1.10
N GLU B 164 2.89 -5.96 -2.16
CA GLU B 164 3.06 -4.68 -2.85
C GLU B 164 2.71 -3.40 -2.12
N ARG B 165 2.04 -3.52 -0.97
CA ARG B 165 1.63 -2.39 -0.18
C ARG B 165 2.38 -2.34 1.16
N THR B 166 3.48 -3.09 1.25
CA THR B 166 4.26 -3.10 2.48
C THR B 166 5.27 -1.95 2.44
N VAL B 167 5.91 -1.66 3.58
CA VAL B 167 7.01 -0.65 3.64
C VAL B 167 8.25 -1.51 4.03
N VAL B 168 9.28 -1.49 3.20
CA VAL B 168 10.50 -2.27 3.42
C VAL B 168 11.73 -1.39 3.66
N ILE B 169 12.41 -1.57 4.80
CA ILE B 169 13.63 -0.82 5.13
C ILE B 169 14.75 -1.81 5.46
N PRO B 170 15.99 -1.36 5.33
CA PRO B 170 17.12 -2.23 5.63
C PRO B 170 17.18 -2.75 7.07
N SER B 171 17.82 -3.92 7.25
CA SER B 171 18.04 -4.47 8.58
C SER B 171 19.44 -4.04 9.00
N ALA B 172 19.74 -4.09 10.29
CA ALA B 172 21.05 -3.71 10.81
C ALA B 172 21.96 -4.94 11.01
N ILE B 173 21.36 -6.14 10.86
CA ILE B 173 22.11 -7.37 10.97
C ILE B 173 22.81 -7.47 9.63
N PRO B 174 24.16 -7.41 9.61
CA PRO B 174 24.98 -7.49 8.39
C PRO B 174 25.28 -8.92 7.90
N THR B 175 25.60 -9.01 6.59
CA THR B 175 25.95 -10.29 5.95
C THR B 175 27.48 -10.44 5.92
N ASP B 176 27.91 -11.69 5.99
CA ASP B 176 29.32 -12.02 6.01
C ASP B 176 29.75 -12.61 4.68
N PRO B 177 30.91 -12.18 4.17
CA PRO B 177 31.37 -12.76 2.90
C PRO B 177 32.14 -14.09 3.19
N ARG B 178 32.81 -14.18 4.36
CA ARG B 178 33.56 -15.37 4.79
C ARG B 178 32.65 -16.44 5.36
N ASN B 179 31.41 -16.14 5.26
CA ASN B 179 30.35 -17.03 5.62
C ASN B 179 29.67 -17.33 4.25
N VAL B 180 28.67 -16.58 3.93
CA VAL B 180 27.89 -16.59 2.63
C VAL B 180 26.62 -17.49 2.64
N GLY B 181 25.54 -16.93 3.17
CA GLY B 181 24.27 -17.63 3.23
C GLY B 181 24.25 -18.92 4.03
N GLY B 182 23.79 -18.84 5.28
CA GLY B 182 23.73 -20.02 6.11
C GLY B 182 23.71 -19.75 7.60
N ASP B 183 24.66 -20.37 8.31
CA ASP B 183 24.81 -20.24 9.77
C ASP B 183 25.06 -18.78 10.21
N LEU B 184 23.97 -18.05 10.43
CA LEU B 184 24.02 -16.65 10.84
C LEU B 184 24.57 -16.53 12.24
N ASP B 185 25.59 -15.68 12.38
CA ASP B 185 26.20 -15.48 13.68
C ASP B 185 25.29 -14.73 14.65
N PRO B 186 24.70 -15.45 15.61
CA PRO B 186 23.81 -14.83 16.60
C PRO B 186 24.41 -13.59 17.25
N SER B 187 25.71 -13.57 17.42
CA SER B 187 26.28 -12.42 18.06
C SER B 187 26.37 -11.20 17.17
N SER B 188 25.96 -11.32 15.92
CA SER B 188 26.02 -10.18 14.98
C SER B 188 24.69 -9.40 14.86
N ILE B 189 23.65 -9.95 15.49
CA ILE B 189 22.34 -9.32 15.47
C ILE B 189 22.37 -8.28 16.57
N PRO B 190 22.29 -6.98 16.23
CA PRO B 190 22.29 -5.95 17.27
C PRO B 190 21.11 -6.22 18.22
N ASP B 191 21.28 -6.00 19.52
CA ASP B 191 20.17 -6.24 20.46
C ASP B 191 19.15 -5.08 20.42
N LYS B 192 19.60 -3.90 19.99
CA LYS B 192 18.69 -2.78 19.84
C LYS B 192 17.65 -3.29 18.86
N GLU B 193 18.08 -3.92 17.76
CA GLU B 193 17.16 -4.47 16.74
C GLU B 193 16.42 -5.70 17.20
N GLN B 194 17.05 -6.47 18.05
CA GLN B 194 16.43 -7.67 18.54
C GLN B 194 15.16 -7.32 19.31
N ALA B 195 15.18 -6.18 20.00
CA ALA B 195 14.03 -5.68 20.78
C ALA B 195 12.91 -4.97 19.97
N ILE B 196 13.11 -4.90 18.65
CA ILE B 196 12.23 -4.30 17.66
C ILE B 196 11.63 -5.40 16.77
N SER B 197 12.22 -6.59 16.85
CA SER B 197 11.83 -7.68 15.98
C SER B 197 10.92 -8.79 16.46
N ALA B 198 10.00 -8.47 17.35
CA ALA B 198 9.03 -9.45 17.82
C ALA B 198 7.89 -9.55 16.77
N LEU B 199 7.40 -10.77 16.55
CA LEU B 199 6.34 -10.97 15.57
C LEU B 199 4.96 -11.07 16.23
N PRO B 200 3.86 -10.79 15.48
CA PRO B 200 2.52 -10.87 16.07
C PRO B 200 2.07 -12.33 16.03
N ASP B 201 0.95 -12.64 16.67
CA ASP B 201 0.39 -14.01 16.67
C ASP B 201 -0.65 -14.13 15.57
N TYR B 202 -0.82 -15.33 15.02
CA TYR B 202 -1.74 -15.49 13.93
C TYR B 202 -2.73 -16.63 14.16
PA TAD C . -2.45 15.64 -11.26
O1A TAD C . -1.63 16.47 -12.17
O2A TAD C . -1.76 14.80 -10.25
O5B TAD C . -3.38 14.70 -12.15
C5B TAD C . -2.96 13.40 -12.61
C4B TAD C . -4.00 12.86 -13.59
O4B TAD C . -3.54 11.60 -14.12
C3B TAD C . -5.30 12.52 -12.88
O3B TAD C . -6.43 12.52 -13.77
C2B TAD C . -5.02 11.12 -12.38
O2B TAD C . -6.27 10.60 -11.91
C1B TAD C . -4.41 10.55 -13.65
N9A TAD C . -3.72 9.24 -13.51
C8A TAD C . -3.69 8.33 -14.51
N7A TAD C . -3.15 7.17 -14.11
C5A TAD C . -2.84 7.41 -12.85
C6A TAD C . -2.26 6.48 -12.01
N6A TAD C . -1.95 5.26 -12.44
N1A TAD C . -2.01 6.88 -10.75
C2A TAD C . -2.31 8.13 -10.35
N3A TAD C . -2.88 9.02 -11.16
C4A TAD C . -3.17 8.69 -12.44
C3 TAD C . -3.63 16.66 -10.39
PN TAD C . -4.02 18.23 -11.13
O1N TAD C . -4.45 18.02 -12.54
O2N TAD C . -2.91 19.18 -10.86
O5D TAD C . -5.29 18.71 -10.31
C5D TAD C . -5.15 19.19 -8.96
C4D TAD C . -6.49 19.71 -8.45
O4D TAD C . -7.52 18.72 -8.64
C3D TAD C . -6.43 19.88 -6.94
O3D TAD C . -5.88 21.13 -6.50
C2D TAD C . -7.88 19.76 -6.54
O2D TAD C . -8.47 21.04 -6.26
C1D TAD C . -8.56 19.02 -7.69
C2N TAD C . -9.32 17.79 -7.38
N3N TAD C . -9.36 16.73 -8.18
C4N TAD C . -10.13 15.80 -7.63
C5N TAD C . -10.69 16.10 -6.44
S1N TAD C . -10.13 17.61 -5.86
C6N TAD C . -10.35 14.54 -8.38
O6N TAD C . -10.89 13.53 -7.92
N6N TAD C . -9.86 14.62 -9.60
S1 TIA D . 11.66 -18.03 2.30
C2 TIA D . 12.22 -17.76 0.65
N3 TIA D . 12.96 -16.65 0.53
C4 TIA D . 13.06 -16.09 1.76
C5 TIA D . 12.47 -16.58 2.90
C6 TIA D . 13.92 -14.93 1.68
O6 TIA D . 14.16 -14.34 2.73
N6 TIA D . 14.32 -14.69 0.40
C1' TIA D . 12.06 -18.56 -0.60
C2' TIA D . 10.89 -19.38 -1.03
O2' TIA D . 10.99 -20.72 -0.42
C3' TIA D . 11.12 -19.41 -2.57
O3' TIA D . 12.04 -20.51 -2.82
C4' TIA D . 11.91 -18.17 -3.00
O4' TIA D . 12.28 -17.62 -1.72
C5' TIA D . 11.26 -17.16 -3.97
P AMP E . 9.45 -14.22 -7.67
O1P AMP E . 8.39 -13.65 -8.61
O2P AMP E . 9.00 -14.74 -6.27
O3P AMP E . 10.72 -15.17 -8.49
O5' AMP E . 10.24 -12.84 -7.05
C5' AMP E . 10.99 -12.80 -5.76
C4' AMP E . 12.53 -12.87 -5.87
O4' AMP E . 13.06 -11.72 -6.61
C3' AMP E . 13.20 -12.62 -4.52
O3' AMP E . 14.64 -12.93 -4.56
C2' AMP E . 13.06 -11.09 -4.43
O2' AMP E . 14.01 -10.79 -3.40
C1' AMP E . 13.61 -10.64 -5.77
N9 AMP E . 13.24 -9.25 -6.18
C8 AMP E . 13.97 -8.40 -6.90
N7 AMP E . 13.30 -7.28 -7.07
C5 AMP E . 12.11 -7.49 -6.45
C6 AMP E . 11.03 -6.60 -6.24
N6 AMP E . 11.05 -5.37 -6.79
N1 AMP E . 9.95 -7.01 -5.54
C2 AMP E . 9.84 -8.25 -5.07
N3 AMP E . 10.89 -9.07 -5.20
C4 AMP E . 12.04 -8.72 -5.88
#